data_3EYH
#
_entry.id   3EYH
#
_cell.length_a   45.000
_cell.length_b   88.220
_cell.length_c   145.520
_cell.angle_alpha   90.000
_cell.angle_beta   90.000
_cell.angle_gamma   90.000
#
_symmetry.space_group_name_H-M   'C 2 2 21'
#
loop_
_entity.id
_entity.type
_entity.pdbx_description
1 polymer 'Tyrosine-protein kinase'
2 non-polymer 2-TERT-BUTYL-9-FLUORO-3,6-DIHYDRO-7H-BENZ[H]-IMIDAZ[4,5-F]ISOQUINOLINE-7-ONE
3 water water
#
_entity_poly.entity_id   1
_entity_poly.type   'polypeptide(L)'
_entity_poly.pdbx_seq_one_letter_code
;VDPTHFEKRFLKRIRDLGEGHFGKVELCRYDPEGDNTGEQVAVKSLKPESGGNHIADLKKEIEILRNLYHENIVKYKGIC
TEDGGNGIKLIMEFLPSGSLKEYLPKNKNKINLKQQLKYAVQICKGMDYLGSRQYVHRDLAARNVLVESEHQVKIGDFGL
TKAIETDKE(PTR)(PTR)TVKDDRDSPVFWYAPECLMQSKFYIASDVWSFGVTLHELLTYCDSDSSPMALFLKMIGPTH
GQMTVTRLVNTLKEGKRLPCPPNCPDEVYQLMRKCWEFQPSNRTSFQNLIEGFEALLK
;
_entity_poly.pdbx_strand_id   A
#
# COMPACT_ATOMS: atom_id res chain seq x y z
N VAL A 1 -27.49 -21.31 7.53
CA VAL A 1 -26.69 -20.31 6.73
C VAL A 1 -26.83 -18.90 7.30
N ASP A 2 -25.72 -18.18 7.34
CA ASP A 2 -25.71 -16.76 7.68
C ASP A 2 -25.73 -15.94 6.38
N PRO A 3 -26.85 -15.21 6.13
CA PRO A 3 -26.93 -14.30 4.96
C PRO A 3 -26.10 -13.00 5.06
N THR A 4 -25.53 -12.72 6.23
CA THR A 4 -24.71 -11.52 6.39
C THR A 4 -23.22 -11.78 6.11
N HIS A 5 -22.85 -13.05 5.91
CA HIS A 5 -21.49 -13.44 5.52
C HIS A 5 -21.53 -14.01 4.11
N PHE A 6 -20.36 -14.33 3.55
CA PHE A 6 -20.26 -14.95 2.22
C PHE A 6 -20.08 -16.47 2.36
N GLU A 7 -21.00 -17.24 1.75
CA GLU A 7 -20.90 -18.70 1.76
C GLU A 7 -19.75 -19.22 0.91
N LYS A 8 -18.88 -20.01 1.52
CA LYS A 8 -17.75 -20.55 0.80
C LYS A 8 -18.18 -21.29 -0.47
N ARG A 9 -19.28 -22.03 -0.41
CA ARG A 9 -19.69 -22.87 -1.54
C ARG A 9 -20.10 -22.06 -2.77
N PHE A 10 -20.43 -20.79 -2.54
CA PHE A 10 -20.86 -19.89 -3.61
C PHE A 10 -19.83 -18.89 -4.09
N LEU A 11 -18.64 -18.87 -3.45
CA LEU A 11 -17.56 -18.04 -3.93
C LEU A 11 -16.88 -18.85 -4.98
N LYS A 12 -17.37 -18.72 -6.22
CA LYS A 12 -16.91 -19.54 -7.32
C LYS A 12 -15.56 -19.05 -7.80
N ARG A 13 -14.54 -19.88 -7.64
CA ARG A 13 -13.17 -19.52 -7.94
C ARG A 13 -13.01 -19.32 -9.45
N ILE A 14 -12.37 -18.22 -9.81
CA ILE A 14 -12.09 -17.92 -11.22
C ILE A 14 -10.59 -17.95 -11.47
N ARG A 15 -9.82 -17.15 -10.73
CA ARG A 15 -8.45 -16.81 -11.13
C ARG A 15 -7.63 -16.36 -9.91
N ASP A 16 -6.33 -16.66 -9.89
CA ASP A 16 -5.43 -16.06 -8.91
C ASP A 16 -5.21 -14.60 -9.29
N LEU A 17 -5.19 -13.71 -8.31
CA LEU A 17 -4.97 -12.27 -8.55
C LEU A 17 -3.61 -11.76 -8.06
N GLY A 18 -3.24 -12.12 -6.83
CA GLY A 18 -1.95 -11.77 -6.25
C GLY A 18 -1.73 -12.43 -4.91
N GLU A 19 -0.50 -12.34 -4.38
CA GLU A 19 -0.14 -12.93 -3.07
C GLU A 19 0.33 -11.88 -2.04
N GLY A 20 -0.37 -11.81 -0.90
CA GLY A 20 -0.02 -10.89 0.21
C GLY A 20 0.90 -11.46 1.28
N HIS A 21 0.93 -10.82 2.45
CA HIS A 21 1.79 -11.26 3.56
C HIS A 21 1.26 -12.52 4.23
N PHE A 22 -0.02 -12.48 4.63
CA PHE A 22 -0.65 -13.54 5.41
C PHE A 22 -1.76 -14.27 4.63
N GLY A 23 -1.96 -13.85 3.37
CA GLY A 23 -2.98 -14.41 2.49
C GLY A 23 -2.68 -14.28 1.01
N LYS A 24 -3.34 -15.08 0.19
CA LYS A 24 -3.34 -14.91 -1.27
C LYS A 24 -4.69 -14.30 -1.71
N VAL A 25 -4.69 -13.59 -2.83
CA VAL A 25 -5.94 -13.00 -3.36
C VAL A 25 -6.36 -13.63 -4.69
N GLU A 26 -7.62 -14.05 -4.76
CA GLU A 26 -8.16 -14.72 -5.93
C GLU A 26 -9.40 -13.98 -6.34
N LEU A 27 -9.70 -14.03 -7.63
CA LEU A 27 -10.96 -13.53 -8.15
C LEU A 27 -12.04 -14.61 -8.06
N CYS A 28 -13.21 -14.26 -7.53
CA CYS A 28 -14.36 -15.16 -7.48
C CYS A 28 -15.60 -14.43 -7.95
N ARG A 29 -16.58 -15.17 -8.48
CA ARG A 29 -17.94 -14.63 -8.59
C ARG A 29 -18.73 -15.18 -7.42
N TYR A 30 -19.28 -14.29 -6.59
CA TYR A 30 -20.22 -14.74 -5.56
C TYR A 30 -21.60 -14.93 -6.17
N ASP A 31 -21.97 -16.19 -6.38
CA ASP A 31 -23.16 -16.49 -7.15
C ASP A 31 -24.16 -17.38 -6.40
N PRO A 32 -24.73 -16.87 -5.30
CA PRO A 32 -25.56 -17.74 -4.46
C PRO A 32 -26.87 -18.17 -5.12
N GLU A 33 -27.33 -17.42 -6.12
CA GLU A 33 -28.57 -17.73 -6.84
C GLU A 33 -28.36 -18.77 -7.93
N GLY A 34 -27.10 -18.97 -8.30
CA GLY A 34 -26.72 -19.96 -9.29
C GLY A 34 -27.08 -19.60 -10.73
N ASP A 35 -27.38 -18.33 -10.99
CA ASP A 35 -27.80 -17.92 -12.34
C ASP A 35 -26.79 -17.01 -13.03
N ASN A 36 -25.57 -16.96 -12.49
CA ASN A 36 -24.49 -16.10 -12.98
C ASN A 36 -24.82 -14.61 -13.06
N THR A 37 -25.63 -14.16 -12.11
CA THR A 37 -25.93 -12.73 -11.99
C THR A 37 -25.18 -12.15 -10.78
N GLY A 38 -24.45 -12.99 -10.04
CA GLY A 38 -23.62 -12.54 -8.92
C GLY A 38 -22.44 -11.69 -9.35
N GLU A 39 -21.88 -10.89 -8.43
CA GLU A 39 -20.78 -10.01 -8.77
C GLU A 39 -19.45 -10.69 -8.55
N GLN A 40 -18.46 -10.24 -9.31
CA GLN A 40 -17.07 -10.61 -9.08
C GLN A 40 -16.55 -9.89 -7.83
N VAL A 41 -15.82 -10.63 -6.99
CA VAL A 41 -15.22 -10.07 -5.78
C VAL A 41 -13.77 -10.57 -5.68
N ALA A 42 -12.94 -9.88 -4.89
CA ALA A 42 -11.60 -10.36 -4.61
C ALA A 42 -11.61 -10.98 -3.23
N VAL A 43 -10.93 -12.11 -3.09
CA VAL A 43 -11.03 -12.91 -1.88
C VAL A 43 -9.63 -13.18 -1.36
N LYS A 44 -9.36 -12.77 -0.13
CA LYS A 44 -8.07 -12.99 0.50
C LYS A 44 -8.16 -14.15 1.49
N SER A 45 -7.44 -15.22 1.20
CA SER A 45 -7.40 -16.42 2.03
C SER A 45 -6.00 -16.63 2.60
N LEU A 46 -5.91 -17.44 3.65
CA LEU A 46 -4.61 -17.83 4.18
C LEU A 46 -3.90 -18.76 3.18
N LYS A 47 -2.58 -18.64 3.09
CA LYS A 47 -1.77 -19.53 2.25
C LYS A 47 -1.66 -20.94 2.87
N PRO A 48 -1.46 -21.99 2.03
CA PRO A 48 -1.23 -23.34 2.55
C PRO A 48 -0.08 -23.38 3.56
N GLU A 49 -0.44 -23.42 4.85
CA GLU A 49 0.48 -23.25 5.98
C GLU A 49 1.43 -22.05 5.80
N ASN A 53 3.04 -15.72 9.56
CA ASN A 53 1.83 -15.91 8.78
C ASN A 53 0.81 -16.70 9.59
N HIS A 54 -0.39 -16.14 9.76
CA HIS A 54 -1.41 -16.76 10.62
C HIS A 54 -2.82 -16.16 10.49
N ILE A 55 -3.77 -16.92 11.01
CA ILE A 55 -5.17 -16.55 11.01
C ILE A 55 -5.46 -15.29 11.85
N ALA A 56 -4.74 -15.13 12.96
CA ALA A 56 -4.89 -13.96 13.84
C ALA A 56 -4.54 -12.68 13.08
N ASP A 57 -3.54 -12.77 12.20
CA ASP A 57 -3.08 -11.67 11.38
C ASP A 57 -4.10 -11.22 10.34
N LEU A 58 -4.74 -12.18 9.69
CA LEU A 58 -5.75 -11.88 8.69
C LEU A 58 -6.98 -11.29 9.37
N LYS A 59 -7.29 -11.81 10.56
CA LYS A 59 -8.38 -11.28 11.37
C LYS A 59 -8.18 -9.82 11.79
N LYS A 60 -6.94 -9.44 12.09
CA LYS A 60 -6.61 -8.02 12.34
C LYS A 60 -6.83 -7.15 11.10
N GLU A 61 -6.46 -7.69 9.94
CA GLU A 61 -6.68 -6.95 8.69
C GLU A 61 -8.17 -6.77 8.37
N ILE A 62 -8.95 -7.80 8.65
CA ILE A 62 -10.41 -7.72 8.49
C ILE A 62 -10.97 -6.64 9.41
N GLU A 63 -10.47 -6.61 10.65
CA GLU A 63 -10.92 -5.63 11.65
C GLU A 63 -10.58 -4.21 11.23
N ILE A 64 -9.37 -4.03 10.69
CA ILE A 64 -8.98 -2.72 10.15
C ILE A 64 -9.93 -2.33 9.00
N LEU A 65 -10.12 -3.24 8.05
CA LEU A 65 -10.79 -2.88 6.81
C LEU A 65 -12.30 -2.69 6.99
N ARG A 66 -12.88 -3.40 7.95
CA ARG A 66 -14.27 -3.11 8.38
C ARG A 66 -14.39 -1.67 8.89
N ASN A 67 -13.29 -1.16 9.46
CA ASN A 67 -13.29 0.14 10.12
C ASN A 67 -12.92 1.25 9.13
N LEU A 68 -12.80 0.92 7.85
CA LEU A 68 -12.38 1.91 6.84
C LEU A 68 -13.39 2.02 5.73
N TYR A 69 -13.75 3.24 5.39
CA TYR A 69 -14.68 3.49 4.29
C TYR A 69 -14.28 4.79 3.63
N HIS A 70 -13.61 4.67 2.49
CA HIS A 70 -13.11 5.82 1.75
C HIS A 70 -13.06 5.52 0.25
N GLU A 71 -13.33 6.54 -0.57
CA GLU A 71 -13.29 6.44 -2.03
C GLU A 71 -11.95 5.88 -2.55
N ASN A 72 -10.88 6.08 -1.79
CA ASN A 72 -9.55 5.68 -2.23
C ASN A 72 -8.99 4.60 -1.32
N ILE A 73 -9.89 3.82 -0.73
CA ILE A 73 -9.50 2.67 0.03
C ILE A 73 -10.32 1.51 -0.50
N VAL A 74 -9.66 0.37 -0.78
CA VAL A 74 -10.38 -0.79 -1.31
C VAL A 74 -11.58 -1.14 -0.40
N LYS A 75 -12.72 -1.39 -1.02
CA LYS A 75 -13.96 -1.52 -0.27
C LYS A 75 -14.08 -2.89 0.35
N TYR A 76 -14.24 -2.92 1.68
CA TYR A 76 -14.56 -4.13 2.41
C TYR A 76 -15.98 -4.58 2.06
N LYS A 77 -16.15 -5.86 1.74
CA LYS A 77 -17.47 -6.39 1.41
C LYS A 77 -17.99 -7.33 2.48
N GLY A 78 -17.09 -8.11 3.07
CA GLY A 78 -17.48 -9.04 4.14
C GLY A 78 -16.45 -10.10 4.45
N ILE A 79 -16.92 -11.18 5.06
CA ILE A 79 -16.07 -12.26 5.47
C ILE A 79 -16.72 -13.57 5.07
N CYS A 80 -15.90 -14.60 4.96
CA CYS A 80 -16.37 -15.96 4.76
C CYS A 80 -15.76 -16.77 5.88
N THR A 81 -16.61 -17.36 6.73
CA THR A 81 -16.11 -18.15 7.85
C THR A 81 -16.11 -19.64 7.55
N GLU A 82 -15.07 -20.33 8.00
CA GLU A 82 -14.87 -21.71 7.61
C GLU A 82 -15.32 -22.67 8.70
N ASP A 83 -15.94 -23.76 8.27
CA ASP A 83 -16.49 -24.77 9.17
C ASP A 83 -15.39 -25.56 9.86
N GLY A 84 -15.64 -25.91 11.11
CA GLY A 84 -14.77 -26.78 11.89
C GLY A 84 -13.32 -26.33 11.89
N GLY A 85 -13.11 -25.05 12.12
CA GLY A 85 -11.78 -24.47 12.04
C GLY A 85 -11.79 -22.98 12.32
N ASN A 86 -10.59 -22.46 12.55
CA ASN A 86 -10.42 -21.05 12.85
C ASN A 86 -10.30 -20.23 11.57
N GLY A 87 -10.62 -20.85 10.43
CA GLY A 87 -10.42 -20.23 9.10
C GLY A 87 -11.36 -19.10 8.77
N ILE A 88 -10.83 -18.09 8.07
CA ILE A 88 -11.67 -16.96 7.63
C ILE A 88 -11.12 -16.46 6.29
N LYS A 89 -11.98 -15.84 5.49
CA LYS A 89 -11.54 -15.15 4.27
C LYS A 89 -12.02 -13.73 4.32
N LEU A 90 -11.27 -12.82 3.67
CA LEU A 90 -11.64 -11.40 3.57
C LEU A 90 -12.12 -11.12 2.16
N ILE A 91 -13.33 -10.58 2.05
CA ILE A 91 -13.94 -10.29 0.77
C ILE A 91 -13.89 -8.79 0.52
N MET A 92 -13.44 -8.40 -0.67
CA MET A 92 -13.27 -7.00 -1.06
C MET A 92 -13.85 -6.83 -2.47
N GLU A 93 -14.04 -5.58 -2.87
CA GLU A 93 -14.36 -5.29 -4.26
C GLU A 93 -13.21 -5.74 -5.18
N PHE A 94 -13.56 -6.07 -6.41
CA PHE A 94 -12.61 -6.43 -7.43
C PHE A 94 -12.20 -5.19 -8.17
N LEU A 95 -10.89 -4.94 -8.27
CA LEU A 95 -10.33 -3.78 -8.98
C LEU A 95 -9.43 -4.35 -10.10
N PRO A 96 -10.03 -4.50 -11.29
CA PRO A 96 -9.62 -5.30 -12.45
C PRO A 96 -8.25 -4.99 -13.01
N SER A 97 -7.76 -3.75 -12.86
CA SER A 97 -6.46 -3.39 -13.42
C SER A 97 -5.29 -3.71 -12.48
N GLY A 98 -5.57 -4.17 -11.26
CA GLY A 98 -4.51 -4.63 -10.38
C GLY A 98 -3.68 -3.48 -9.83
N SER A 99 -2.44 -3.76 -9.44
CA SER A 99 -1.67 -2.73 -8.77
C SER A 99 -1.01 -1.81 -9.78
N LEU A 100 -0.64 -0.63 -9.30
CA LEU A 100 0.17 0.30 -10.08
C LEU A 100 1.43 -0.36 -10.61
N LYS A 101 1.98 -1.29 -9.85
CA LYS A 101 3.24 -1.95 -10.18
C LYS A 101 3.12 -2.73 -11.50
N GLU A 102 1.95 -3.32 -11.75
CA GLU A 102 1.71 -4.01 -13.01
C GLU A 102 1.08 -3.10 -14.07
N TYR A 103 0.22 -2.20 -13.62
CA TYR A 103 -0.55 -1.32 -14.51
C TYR A 103 0.31 -0.29 -15.22
N LEU A 104 1.14 0.42 -14.47
CA LEU A 104 1.90 1.56 -15.04
C LEU A 104 2.86 1.18 -16.18
N PRO A 105 3.64 0.10 -16.04
CA PRO A 105 4.51 -0.33 -17.16
C PRO A 105 3.78 -0.65 -18.47
N LYS A 106 2.50 -1.02 -18.37
CA LYS A 106 1.69 -1.31 -19.54
C LYS A 106 1.02 -0.09 -20.12
N ASN A 107 1.15 1.04 -19.43
CA ASN A 107 0.36 2.22 -19.79
C ASN A 107 1.15 3.53 -19.83
N LYS A 108 2.44 3.42 -20.09
CA LYS A 108 3.33 4.57 -20.14
C LYS A 108 2.84 5.62 -21.13
N ASN A 109 2.32 5.16 -22.27
CA ASN A 109 1.90 6.05 -23.32
C ASN A 109 0.51 6.63 -23.08
N LYS A 110 -0.19 6.08 -22.09
CA LYS A 110 -1.57 6.46 -21.83
C LYS A 110 -1.68 7.38 -20.61
N ILE A 111 -0.81 7.16 -19.63
CA ILE A 111 -0.86 7.90 -18.36
C ILE A 111 0.18 9.02 -18.35
N ASN A 112 -0.27 10.27 -18.33
CA ASN A 112 0.68 11.38 -18.33
C ASN A 112 0.94 11.93 -16.95
N LEU A 113 1.83 12.91 -16.87
CA LEU A 113 2.19 13.51 -15.59
C LEU A 113 0.96 13.99 -14.82
N LYS A 114 0.05 14.70 -15.48
CA LYS A 114 -1.20 15.14 -14.83
C LYS A 114 -2.01 13.99 -14.23
N GLN A 115 -2.11 12.87 -14.93
CA GLN A 115 -2.83 11.74 -14.38
C GLN A 115 -2.07 11.14 -13.19
N GLN A 116 -0.75 11.14 -13.27
CA GLN A 116 0.10 10.69 -12.18
C GLN A 116 -0.10 11.55 -10.93
N LEU A 117 -0.21 12.86 -11.11
CA LEU A 117 -0.44 13.76 -9.99
C LEU A 117 -1.82 13.55 -9.39
N LYS A 118 -2.82 13.23 -10.20
CA LYS A 118 -4.15 12.91 -9.67
C LYS A 118 -4.11 11.64 -8.84
N TYR A 119 -3.33 10.64 -9.25
CA TYR A 119 -3.16 9.43 -8.45
C TYR A 119 -2.48 9.79 -7.12
N ALA A 120 -1.48 10.66 -7.18
CA ALA A 120 -0.79 11.07 -5.96
C ALA A 120 -1.79 11.66 -4.95
N VAL A 121 -2.69 12.53 -5.46
CA VAL A 121 -3.73 13.16 -4.64
C VAL A 121 -4.66 12.11 -4.04
N GLN A 122 -5.11 11.17 -4.87
CA GLN A 122 -5.99 10.10 -4.40
C GLN A 122 -5.35 9.22 -3.32
N ILE A 123 -4.07 8.87 -3.53
CA ILE A 123 -3.29 8.16 -2.51
C ILE A 123 -3.16 8.97 -1.20
N CYS A 124 -2.85 10.27 -1.32
CA CYS A 124 -2.76 11.13 -0.14
C CYS A 124 -4.09 11.29 0.59
N LYS A 125 -5.19 11.36 -0.18
CA LYS A 125 -6.52 11.41 0.45
C LYS A 125 -6.83 10.09 1.20
N GLY A 126 -6.53 8.96 0.59
CA GLY A 126 -6.73 7.70 1.30
C GLY A 126 -5.95 7.66 2.61
N MET A 127 -4.72 8.16 2.53
CA MET A 127 -3.77 8.07 3.64
C MET A 127 -4.10 9.05 4.75
N ASP A 128 -4.50 10.26 4.39
CA ASP A 128 -4.96 11.25 5.34
C ASP A 128 -6.17 10.74 6.12
N TYR A 129 -7.11 10.13 5.40
CA TYR A 129 -8.24 9.42 6.03
C TYR A 129 -7.74 8.31 6.96
N LEU A 130 -6.84 7.47 6.45
CA LEU A 130 -6.27 6.38 7.25
C LEU A 130 -5.67 6.90 8.58
N GLY A 131 -4.89 7.97 8.48
CA GLY A 131 -4.30 8.58 9.68
C GLY A 131 -5.34 9.10 10.65
N SER A 132 -6.39 9.72 10.11
CA SER A 132 -7.46 10.27 10.94
C SER A 132 -8.12 9.20 11.79
N ARG A 133 -8.15 7.97 11.27
CA ARG A 133 -8.66 6.81 12.02
C ARG A 133 -7.62 6.22 12.97
N GLN A 134 -6.45 6.87 13.03
CA GLN A 134 -5.34 6.50 13.92
C GLN A 134 -4.63 5.20 13.52
N TYR A 135 -4.54 4.94 12.22
CA TYR A 135 -3.77 3.83 11.72
C TYR A 135 -2.53 4.30 11.00
N VAL A 136 -1.46 3.50 11.10
CA VAL A 136 -0.27 3.66 10.29
C VAL A 136 -0.22 2.47 9.38
N HIS A 137 0.01 2.72 8.09
CA HIS A 137 -0.10 1.67 7.08
C HIS A 137 1.07 0.69 7.08
N ARG A 138 2.28 1.23 7.21
CA ARG A 138 3.51 0.42 7.31
C ARG A 138 3.95 -0.35 6.05
N ASP A 139 3.27 -0.17 4.92
CA ASP A 139 3.58 -0.97 3.71
C ASP A 139 3.17 -0.21 2.46
N LEU A 140 3.31 1.11 2.49
CA LEU A 140 2.84 1.92 1.40
C LEU A 140 3.86 1.93 0.27
N ALA A 141 3.51 1.24 -0.81
CA ALA A 141 4.35 1.08 -2.00
C ALA A 141 3.39 0.88 -3.15
N ALA A 142 3.86 1.11 -4.38
CA ALA A 142 2.97 1.06 -5.55
C ALA A 142 2.30 -0.31 -5.73
N ARG A 143 2.94 -1.38 -5.25
CA ARG A 143 2.38 -2.74 -5.31
C ARG A 143 1.10 -2.89 -4.48
N ASN A 144 0.86 -1.94 -3.56
CA ASN A 144 -0.33 -2.00 -2.70
C ASN A 144 -1.38 -0.98 -3.05
N VAL A 145 -1.11 -0.24 -4.13
CA VAL A 145 -2.06 0.74 -4.64
C VAL A 145 -2.69 0.10 -5.86
N LEU A 146 -4.01 -0.12 -5.78
CA LEU A 146 -4.75 -0.84 -6.82
C LEU A 146 -5.44 0.13 -7.75
N VAL A 147 -5.60 -0.26 -8.99
CA VAL A 147 -6.16 0.61 -10.01
C VAL A 147 -7.61 0.16 -10.32
N GLU A 148 -8.58 1.00 -10.00
CA GLU A 148 -9.94 0.72 -10.41
C GLU A 148 -10.10 0.99 -11.90
N SER A 149 -9.57 2.14 -12.34
CA SER A 149 -9.58 2.51 -13.75
C SER A 149 -8.48 3.53 -13.98
N GLU A 150 -8.35 3.96 -15.23
CA GLU A 150 -7.41 5.00 -15.60
C GLU A 150 -7.49 6.21 -14.67
N HIS A 151 -8.68 6.49 -14.13
CA HIS A 151 -8.91 7.71 -13.39
C HIS A 151 -9.00 7.55 -11.88
N GLN A 152 -8.91 6.32 -11.39
CA GLN A 152 -9.10 6.08 -9.97
C GLN A 152 -8.23 4.95 -9.42
N VAL A 153 -7.49 5.27 -8.36
CA VAL A 153 -6.72 4.27 -7.60
C VAL A 153 -7.18 4.17 -6.13
N LYS A 154 -6.92 3.05 -5.48
CA LYS A 154 -7.27 2.86 -4.08
C LYS A 154 -6.14 2.14 -3.36
N ILE A 155 -5.91 2.51 -2.12
CA ILE A 155 -5.01 1.74 -1.24
C ILE A 155 -5.69 0.39 -1.02
N GLY A 156 -4.97 -0.68 -1.34
CA GLY A 156 -5.63 -1.97 -1.59
C GLY A 156 -5.20 -3.15 -0.76
N ASP A 157 -4.33 -2.91 0.23
CA ASP A 157 -3.92 -3.95 1.17
C ASP A 157 -3.56 -3.31 2.49
N PHE A 158 -3.81 -4.03 3.59
CA PHE A 158 -3.59 -3.51 4.97
C PHE A 158 -2.95 -4.51 5.91
N GLY A 159 -2.14 -5.39 5.35
CA GLY A 159 -1.57 -6.53 6.09
C GLY A 159 -0.65 -6.20 7.26
N LEU A 160 0.04 -5.07 7.20
CA LEU A 160 0.98 -4.64 8.24
C LEU A 160 0.50 -3.41 9.00
N THR A 161 -0.76 -3.03 8.77
CA THR A 161 -1.31 -1.81 9.33
C THR A 161 -1.49 -1.95 10.83
N LYS A 162 -1.16 -0.89 11.57
CA LYS A 162 -1.27 -0.90 13.02
C LYS A 162 -1.99 0.34 13.50
N ALA A 163 -2.61 0.24 14.68
CA ALA A 163 -3.27 1.37 15.32
C ALA A 163 -2.32 2.10 16.27
N ILE A 164 -2.24 3.43 16.13
CA ILE A 164 -1.56 4.25 17.13
C ILE A 164 -2.55 4.52 18.26
N GLU A 165 -2.11 4.31 19.50
CA GLU A 165 -2.95 4.61 20.67
C GLU A 165 -3.28 6.11 20.74
N THR A 166 -4.48 6.40 21.20
CA THR A 166 -4.94 7.77 21.37
C THR A 166 -3.93 8.51 22.25
N ASP A 167 -3.54 9.70 21.80
CA ASP A 167 -2.57 10.57 22.46
C ASP A 167 -1.10 10.15 22.26
N LYS A 168 -0.88 9.05 21.55
CA LYS A 168 0.47 8.62 21.18
C LYS A 168 0.81 9.02 19.74
N GLU A 169 2.10 9.14 19.46
CA GLU A 169 2.55 9.59 18.14
C GLU A 169 3.11 8.47 17.27
N THR A 172 5.13 1.02 18.22
CA THR A 172 6.38 0.27 18.19
C THR A 172 6.16 -1.15 17.69
N VAL A 173 6.82 -1.49 16.60
CA VAL A 173 6.74 -2.80 16.02
C VAL A 173 7.66 -3.76 16.78
N LYS A 174 7.13 -4.93 17.10
CA LYS A 174 7.89 -5.92 17.83
C LYS A 174 8.31 -6.99 16.83
N ASP A 175 7.50 -7.10 15.79
CA ASP A 175 7.72 -8.06 14.72
C ASP A 175 7.85 -7.33 13.36
N ASP A 176 9.10 -7.11 12.95
CA ASP A 176 9.43 -6.39 11.70
C ASP A 176 9.83 -7.34 10.56
N ARG A 177 9.43 -8.61 10.68
CA ARG A 177 9.99 -9.68 9.85
C ARG A 177 9.76 -9.62 8.35
N ASP A 178 8.73 -8.93 7.88
CA ASP A 178 8.74 -8.57 6.47
C ASP A 178 8.32 -7.13 6.23
N SER A 179 9.10 -6.25 6.83
CA SER A 179 9.03 -4.84 6.58
C SER A 179 9.70 -4.51 5.23
N PRO A 180 9.07 -3.61 4.46
CA PRO A 180 9.66 -3.10 3.22
C PRO A 180 10.70 -2.01 3.52
N VAL A 181 11.91 -2.42 3.91
CA VAL A 181 12.94 -1.48 4.43
C VAL A 181 13.34 -0.34 3.48
N PHE A 182 13.27 -0.59 2.17
CA PHE A 182 13.59 0.45 1.18
C PHE A 182 12.51 1.53 1.04
N TRP A 183 11.39 1.30 1.70
CA TRP A 183 10.31 2.28 1.73
C TRP A 183 10.17 2.93 3.12
N TYR A 184 11.09 2.58 4.04
CA TYR A 184 10.95 2.93 5.45
C TYR A 184 11.77 4.13 5.85
N ALA A 185 11.16 4.97 6.69
CA ALA A 185 11.83 6.13 7.28
C ALA A 185 12.89 5.70 8.29
N PRO A 186 13.88 6.58 8.56
CA PRO A 186 14.96 6.22 9.47
C PRO A 186 14.50 5.76 10.85
N GLU A 187 13.47 6.38 11.42
CA GLU A 187 13.01 6.01 12.77
C GLU A 187 12.50 4.58 12.79
N CYS A 188 11.90 4.16 11.68
CA CYS A 188 11.39 2.79 11.58
C CYS A 188 12.58 1.83 11.52
N LEU A 189 13.60 2.19 10.77
CA LEU A 189 14.78 1.32 10.61
C LEU A 189 15.60 1.24 11.88
N MET A 190 15.78 2.39 12.53
CA MET A 190 16.63 2.53 13.70
C MET A 190 15.97 2.12 15.01
N GLN A 191 14.67 2.36 15.15
CA GLN A 191 13.98 2.13 16.43
C GLN A 191 12.69 1.33 16.34
N SER A 192 12.28 0.94 15.13
CA SER A 192 10.99 0.26 14.89
C SER A 192 9.75 1.06 15.36
N LYS A 193 9.90 2.38 15.39
CA LYS A 193 8.82 3.32 15.72
C LYS A 193 8.17 3.82 14.44
N PHE A 194 6.84 3.76 14.40
CA PHE A 194 6.06 4.09 13.21
C PHE A 194 5.04 5.16 13.54
N TYR A 195 5.27 6.33 12.93
CA TYR A 195 4.45 7.53 13.08
C TYR A 195 3.69 7.69 11.80
N ILE A 196 2.67 8.57 11.82
CA ILE A 196 2.01 8.97 10.57
C ILE A 196 3.05 9.54 9.61
N ALA A 197 3.96 10.35 10.15
CA ALA A 197 5.08 10.87 9.36
C ALA A 197 5.95 9.77 8.71
N SER A 198 5.91 8.56 9.26
CA SER A 198 6.61 7.43 8.64
C SER A 198 5.91 6.96 7.36
N ASP A 199 4.57 7.01 7.35
CA ASP A 199 3.81 6.72 6.14
C ASP A 199 4.04 7.81 5.08
N VAL A 200 4.21 9.06 5.50
CA VAL A 200 4.51 10.16 4.58
C VAL A 200 5.81 9.89 3.86
N TRP A 201 6.85 9.54 4.62
CA TRP A 201 8.09 9.02 4.01
C TRP A 201 7.81 7.94 2.96
N SER A 202 7.09 6.89 3.33
CA SER A 202 6.79 5.81 2.35
C SER A 202 6.03 6.32 1.13
N PHE A 203 5.10 7.26 1.32
CA PHE A 203 4.44 7.88 0.19
C PHE A 203 5.45 8.52 -0.78
N GLY A 204 6.41 9.27 -0.23
CA GLY A 204 7.49 9.87 -1.03
C GLY A 204 8.12 8.84 -1.93
N VAL A 205 8.41 7.67 -1.39
CA VAL A 205 8.98 6.58 -2.18
C VAL A 205 7.95 6.02 -3.21
N THR A 206 6.70 5.86 -2.79
CA THR A 206 5.63 5.43 -3.70
C THR A 206 5.48 6.44 -4.86
N LEU A 207 5.63 7.72 -4.56
CA LEU A 207 5.52 8.78 -5.56
C LEU A 207 6.64 8.62 -6.57
N HIS A 208 7.84 8.35 -6.07
CA HIS A 208 8.98 8.11 -6.93
C HIS A 208 8.70 6.97 -7.90
N GLU A 209 8.17 5.85 -7.37
CA GLU A 209 7.75 4.73 -8.22
C GLU A 209 6.76 5.16 -9.34
N LEU A 210 5.70 5.87 -8.95
CA LEU A 210 4.68 6.37 -9.87
C LEU A 210 5.27 7.13 -11.05
N LEU A 211 6.14 8.10 -10.74
CA LEU A 211 6.80 8.94 -11.73
C LEU A 211 7.77 8.16 -12.62
N THR A 212 8.23 7.01 -12.16
CA THR A 212 9.09 6.19 -12.99
C THR A 212 8.28 5.08 -13.65
N TYR A 213 6.95 5.17 -13.55
CA TYR A 213 6.04 4.13 -14.08
C TYR A 213 6.35 2.73 -13.55
N CYS A 214 6.87 2.66 -12.33
CA CYS A 214 7.23 1.37 -11.72
C CYS A 214 8.19 0.54 -12.58
N ASP A 215 9.06 1.21 -13.33
CA ASP A 215 10.15 0.52 -14.00
C ASP A 215 10.96 -0.24 -12.95
N SER A 216 11.03 -1.56 -13.11
CA SER A 216 11.74 -2.41 -12.15
C SER A 216 13.20 -2.00 -11.93
N ASP A 217 13.87 -1.54 -13.00
CA ASP A 217 15.27 -1.12 -12.93
C ASP A 217 15.49 0.17 -12.15
N SER A 218 14.42 0.91 -11.87
CA SER A 218 14.51 2.14 -11.10
C SER A 218 13.75 2.01 -9.78
N SER A 219 13.41 0.79 -9.40
CA SER A 219 12.73 0.58 -8.14
C SER A 219 13.57 1.05 -6.96
N PRO A 220 12.92 1.56 -5.90
CA PRO A 220 13.64 1.94 -4.68
C PRO A 220 14.73 0.94 -4.27
N MET A 221 14.42 -0.35 -4.32
CA MET A 221 15.37 -1.39 -3.93
C MET A 221 16.56 -1.41 -4.89
N ALA A 222 16.27 -1.45 -6.19
CA ALA A 222 17.30 -1.45 -7.23
C ALA A 222 18.18 -0.21 -7.14
N LEU A 223 17.58 0.95 -6.95
CA LEU A 223 18.36 2.18 -6.78
C LEU A 223 19.18 2.26 -5.47
N PHE A 224 18.54 1.98 -4.33
CA PHE A 224 19.27 2.00 -3.06
C PHE A 224 20.40 0.96 -3.01
N LEU A 225 20.18 -0.23 -3.58
CA LEU A 225 21.25 -1.25 -3.63
C LEU A 225 22.42 -0.81 -4.50
N LYS A 226 22.17 0.07 -5.46
CA LYS A 226 23.22 0.67 -6.27
C LYS A 226 24.09 1.61 -5.44
N MET A 227 23.49 2.26 -4.44
CA MET A 227 24.21 3.21 -3.58
C MET A 227 25.03 2.54 -2.50
N ILE A 228 24.55 1.39 -2.02
CA ILE A 228 25.10 0.76 -0.82
C ILE A 228 25.76 -0.58 -1.07
N GLY A 229 25.61 -1.11 -2.28
CA GLY A 229 26.19 -2.40 -2.62
C GLY A 229 25.20 -3.49 -2.29
N PRO A 230 25.16 -4.54 -3.12
CA PRO A 230 24.09 -5.54 -3.02
C PRO A 230 24.33 -6.70 -2.05
N THR A 231 25.57 -6.94 -1.66
CA THR A 231 25.91 -8.19 -1.01
C THR A 231 26.23 -8.07 0.49
N HIS A 232 25.50 -7.21 1.18
CA HIS A 232 25.76 -6.98 2.61
C HIS A 232 24.86 -7.78 3.55
N GLY A 233 23.91 -8.52 2.99
CA GLY A 233 22.90 -9.28 3.73
C GLY A 233 22.40 -8.55 4.96
N GLN A 234 22.61 -9.14 6.13
CA GLN A 234 22.17 -8.61 7.42
C GLN A 234 22.68 -7.18 7.71
N MET A 235 23.66 -6.72 6.95
CA MET A 235 24.20 -5.36 7.10
C MET A 235 23.49 -4.34 6.20
N THR A 236 22.54 -4.81 5.41
CA THR A 236 21.79 -3.99 4.47
C THR A 236 21.13 -2.78 5.13
N VAL A 237 20.28 -3.02 6.12
CA VAL A 237 19.58 -1.94 6.82
C VAL A 237 20.58 -0.96 7.47
N THR A 238 21.65 -1.49 8.07
CA THR A 238 22.71 -0.63 8.63
C THR A 238 23.26 0.33 7.56
N ARG A 239 23.46 -0.21 6.36
CA ARG A 239 24.01 0.58 5.26
C ARG A 239 22.99 1.58 4.69
N LEU A 240 21.73 1.16 4.69
CA LEU A 240 20.64 2.06 4.35
C LEU A 240 20.61 3.27 5.28
N VAL A 241 20.61 3.00 6.60
CA VAL A 241 20.62 4.05 7.62
C VAL A 241 21.83 4.98 7.45
N ASN A 242 23.00 4.38 7.28
CA ASN A 242 24.24 5.15 7.06
C ASN A 242 24.01 6.14 5.91
N THR A 243 23.54 5.63 4.78
CA THR A 243 23.28 6.44 3.60
C THR A 243 22.27 7.59 3.83
N LEU A 244 21.19 7.29 4.53
CA LEU A 244 20.17 8.31 4.86
C LEU A 244 20.68 9.34 5.85
N LYS A 245 21.47 8.91 6.83
CA LYS A 245 22.12 9.85 7.77
C LYS A 245 23.02 10.82 7.02
N GLU A 246 23.64 10.34 5.95
CA GLU A 246 24.49 11.15 5.08
C GLU A 246 23.70 12.15 4.25
N GLY A 247 22.38 11.95 4.19
CA GLY A 247 21.49 12.92 3.55
C GLY A 247 21.25 12.56 2.08
N LYS A 248 21.62 11.36 1.70
CA LYS A 248 21.36 10.91 0.34
C LYS A 248 19.92 10.46 0.22
N ARG A 249 19.31 10.79 -0.90
CA ARG A 249 17.94 10.38 -1.20
C ARG A 249 17.89 9.84 -2.62
N LEU A 250 16.79 9.18 -2.96
CA LEU A 250 16.52 8.81 -4.36
C LEU A 250 16.54 10.07 -5.23
N PRO A 251 17.11 9.97 -6.43
CA PRO A 251 17.20 11.17 -7.27
C PRO A 251 15.88 11.47 -7.95
N CYS A 252 15.82 12.66 -8.55
CA CYS A 252 14.66 13.10 -9.29
C CYS A 252 14.42 12.26 -10.51
N PRO A 253 13.25 11.61 -10.59
CA PRO A 253 12.97 10.83 -11.78
C PRO A 253 13.13 11.73 -12.99
N PRO A 254 13.59 11.17 -14.11
CA PRO A 254 13.72 12.08 -15.24
C PRO A 254 12.31 12.44 -15.71
N ASN A 255 12.12 13.67 -16.19
CA ASN A 255 10.81 14.11 -16.63
C ASN A 255 9.86 14.43 -15.46
N CYS A 256 10.32 14.23 -14.22
CA CYS A 256 9.60 14.75 -13.06
C CYS A 256 10.04 16.19 -12.86
N PRO A 257 9.09 17.14 -12.85
CA PRO A 257 9.49 18.55 -12.71
C PRO A 257 9.98 18.82 -11.29
N ASP A 258 10.79 19.87 -11.14
CA ASP A 258 11.35 20.18 -9.83
C ASP A 258 10.29 20.41 -8.76
N GLU A 259 9.19 21.07 -9.10
CA GLU A 259 8.19 21.41 -8.08
C GLU A 259 7.56 20.14 -7.48
N VAL A 260 7.40 19.10 -8.32
CA VAL A 260 6.96 17.79 -7.86
C VAL A 260 8.03 17.13 -7.00
N TYR A 261 9.27 17.11 -7.51
CA TYR A 261 10.40 16.63 -6.75
C TYR A 261 10.55 17.30 -5.38
N GLN A 262 10.32 18.60 -5.31
CA GLN A 262 10.39 19.29 -4.01
C GLN A 262 9.35 18.81 -2.97
N LEU A 263 8.18 18.36 -3.45
CA LEU A 263 7.19 17.75 -2.57
C LEU A 263 7.64 16.38 -2.07
N MET A 264 8.24 15.60 -2.98
CA MET A 264 8.83 14.31 -2.67
C MET A 264 9.90 14.47 -1.56
N ARG A 265 10.77 15.46 -1.72
CA ARG A 265 11.83 15.75 -0.74
C ARG A 265 11.29 16.10 0.64
N LYS A 266 10.14 16.79 0.69
CA LYS A 266 9.49 17.16 1.96
C LYS A 266 8.97 15.94 2.73
N CYS A 267 8.82 14.82 2.02
CA CYS A 267 8.45 13.55 2.61
C CYS A 267 9.68 12.88 3.22
N TRP A 268 10.86 13.31 2.78
CA TRP A 268 12.10 12.65 3.17
C TRP A 268 13.03 13.39 4.13
N GLU A 269 12.49 14.39 4.84
CA GLU A 269 13.21 14.97 5.97
C GLU A 269 13.55 13.86 6.93
N PHE A 270 14.76 13.91 7.49
CA PHE A 270 15.23 12.89 8.42
C PHE A 270 14.38 12.78 9.71
N GLN A 271 14.02 13.92 10.30
CA GLN A 271 13.24 13.91 11.53
C GLN A 271 11.78 13.85 11.14
N PRO A 272 11.01 12.91 11.73
CA PRO A 272 9.58 12.81 11.40
C PRO A 272 8.82 14.15 11.48
N SER A 273 9.14 14.98 12.48
CA SER A 273 8.44 16.27 12.68
C SER A 273 8.69 17.31 11.59
N ASN A 274 9.74 17.13 10.80
CA ASN A 274 10.06 18.09 9.74
C ASN A 274 9.37 17.80 8.40
N ARG A 275 8.68 16.67 8.34
CA ARG A 275 8.04 16.21 7.12
C ARG A 275 6.69 16.86 6.94
N THR A 276 6.29 16.98 5.68
CA THR A 276 4.98 17.52 5.34
C THR A 276 3.89 16.54 5.79
N SER A 277 2.68 17.07 5.98
CA SER A 277 1.52 16.24 6.27
C SER A 277 0.93 15.74 4.95
N PHE A 278 0.02 14.79 5.03
CA PHE A 278 -0.69 14.35 3.81
C PHE A 278 -1.63 15.43 3.29
N GLN A 279 -2.34 16.11 4.18
CA GLN A 279 -3.19 17.24 3.79
C GLN A 279 -2.39 18.31 3.05
N ASN A 280 -1.19 18.60 3.52
CA ASN A 280 -0.30 19.55 2.84
C ASN A 280 0.14 19.05 1.48
N LEU A 281 0.37 17.75 1.35
CA LEU A 281 0.66 17.16 0.04
C LEU A 281 -0.53 17.31 -0.92
N ILE A 282 -1.71 16.96 -0.43
CA ILE A 282 -2.92 17.06 -1.25
C ILE A 282 -2.96 18.47 -1.86
N GLU A 283 -2.83 19.51 -1.03
CA GLU A 283 -2.94 20.90 -1.49
C GLU A 283 -1.79 21.29 -2.40
N GLY A 284 -0.62 20.70 -2.11
CA GLY A 284 0.58 20.92 -2.91
C GLY A 284 0.42 20.42 -4.32
N PHE A 285 -0.07 19.18 -4.45
CA PHE A 285 -0.33 18.60 -5.77
C PHE A 285 -1.45 19.33 -6.50
N GLU A 286 -2.58 19.56 -5.83
CA GLU A 286 -3.71 20.30 -6.43
C GLU A 286 -3.33 21.67 -7.00
N ALA A 287 -2.40 22.36 -6.35
CA ALA A 287 -1.89 23.64 -6.84
C ALA A 287 -1.12 23.49 -8.15
N LEU A 288 -0.69 22.26 -8.46
CA LEU A 288 -0.03 21.99 -9.72
C LEU A 288 -1.00 21.43 -10.76
N LEU A 289 -2.27 21.34 -10.40
CA LEU A 289 -3.27 20.77 -11.30
C LEU A 289 -4.29 21.82 -11.71
N LYS A 290 -4.42 22.01 -13.03
CA LYS A 290 -5.19 23.12 -13.59
C LYS A 290 -6.56 22.68 -14.11
#